data_5QB8
#
_entry.id   5QB8
#
_cell.length_a   45.061
_cell.length_b   72.612
_cell.length_c   52.291
_cell.angle_alpha   90.000
_cell.angle_beta   108.940
_cell.angle_gamma   90.000
#
_symmetry.space_group_name_H-M   'P 1 21 1'
#
loop_
_entity.id
_entity.type
_entity.pdbx_description
1 polymer Endothiapepsin
2 non-polymer GLYCEROL
3 non-polymer (1S,2S,3S,4R,5R)-2-amino-4-[(2S)-2-(hydroxymethyl)pyrrolidin-1-yl]-6,8-dioxabicyclo[3.2.1]octan-3-ol
4 non-polymer 'ACETATE ION'
5 water water
#
_entity_poly.entity_id   1
_entity_poly.type   'polypeptide(L)'
_entity_poly.pdbx_seq_one_letter_code
;STGSATTTPIDSLDDAYITPVQIGTPAQTLNLDFDTGSSDLWVFSSETTASEVDGQTIYTPSKSTTAKLLSGATWSISYG
DGSSSSGDVYTDTVSVGGLTVTGQAVESAKKVSSSFTEDSTIDGLLGLAFSTLNTVSPTQQKTFFDNAKASLDSPVFTAD
LGYHAPGTYNFGFIDTTAYTGSITYTAVSTKQGFWEWTSTGYAVGSGTFKSTSIDGIADTGTTLLYLPATVVSAYWAQVS
GAKSSSSVGGYVFPCSATLPSFTFGVGSARIVIPGDYIDFGPISTGSSSCFGGIQSSAGIGINIFGDVALKAAFVVFNGA
TTPTLGFASK
;
_entity_poly.pdbx_strand_id   A
#
loop_
_chem_comp.id
_chem_comp.type
_chem_comp.name
_chem_comp.formula
ACT non-polymer 'ACETATE ION' 'C2 H3 O2 -1'
D6D non-polymer (1S,2S,3S,4R,5R)-2-amino-4-[(2S)-2-(hydroxymethyl)pyrrolidin-1-yl]-6,8-dioxabicyclo[3.2.1]octan-3-ol 'C11 H20 N2 O4'
GOL non-polymer GLYCEROL 'C3 H8 O3'
#
# COMPACT_ATOMS: atom_id res chain seq x y z
N SER A 1 23.96 1.17 3.90
CA SER A 1 23.14 0.13 4.50
C SER A 1 22.02 -0.31 3.58
N THR A 2 21.47 -1.48 3.88
CA THR A 2 20.28 -1.99 3.19
C THR A 2 19.39 -2.70 4.21
N GLY A 3 18.15 -2.96 3.79
CA GLY A 3 17.25 -3.83 4.54
C GLY A 3 16.44 -4.66 3.57
N SER A 4 15.98 -5.81 4.03
CA SER A 4 15.15 -6.69 3.22
C SER A 4 14.20 -7.44 4.14
N ALA A 5 12.89 -7.30 3.91
CA ALA A 5 11.90 -7.96 4.75
C ALA A 5 10.81 -8.61 3.90
N THR A 6 10.33 -9.75 4.36
CA THR A 6 9.24 -10.43 3.70
C THR A 6 7.91 -9.83 4.11
N THR A 7 7.02 -9.65 3.14
CA THR A 7 5.68 -9.14 3.40
C THR A 7 4.69 -10.25 3.04
N THR A 8 3.67 -10.43 3.87
CA THR A 8 2.80 -11.61 3.82
C THR A 8 1.34 -11.18 3.75
N PRO A 9 0.55 -11.75 2.83
CA PRO A 9 -0.88 -11.44 2.79
CA PRO A 9 -0.87 -11.41 2.80
C PRO A 9 -1.57 -11.78 4.10
N ILE A 10 -2.52 -10.95 4.53
CA ILE A 10 -3.19 -11.20 5.80
C ILE A 10 -4.28 -12.27 5.69
N ASP A 11 -4.71 -12.56 4.47
CA ASP A 11 -5.76 -13.54 4.25
C ASP A 11 -5.67 -14.11 2.84
N SER A 12 -6.60 -14.99 2.50
CA SER A 12 -6.56 -15.72 1.23
C SER A 12 -6.87 -14.85 0.01
N LEU A 13 -7.29 -13.61 0.26
CA LEU A 13 -7.66 -12.70 -0.83
C LEU A 13 -6.64 -11.61 -1.10
N ASP A 14 -5.54 -11.60 -0.33
CA ASP A 14 -4.57 -10.51 -0.39
C ASP A 14 -5.21 -9.16 -0.05
N ASP A 15 -6.05 -9.11 0.97
CA ASP A 15 -6.71 -7.85 1.32
C ASP A 15 -5.72 -6.79 1.78
N ALA A 16 -4.62 -7.24 2.38
CA ALA A 16 -3.51 -6.37 2.76
C ALA A 16 -2.31 -7.25 2.99
N TYR A 17 -1.16 -6.62 3.19
CA TYR A 17 0.09 -7.32 3.44
C TYR A 17 0.71 -6.81 4.73
N ILE A 18 1.26 -7.71 5.54
CA ILE A 18 1.93 -7.30 6.77
C ILE A 18 3.41 -7.68 6.74
N THR A 19 4.21 -6.80 7.35
CA THR A 19 5.65 -6.93 7.36
C THR A 19 6.15 -6.77 8.78
N PRO A 20 6.98 -7.70 9.28
CA PRO A 20 7.43 -7.56 10.67
C PRO A 20 8.38 -6.38 10.84
N VAL A 21 8.19 -5.63 11.91
CA VAL A 21 9.01 -4.45 12.22
C VAL A 21 9.43 -4.51 13.68
N GLN A 22 10.71 -4.30 13.92
CA GLN A 22 11.26 -4.31 15.27
C GLN A 22 11.26 -2.90 15.84
N ILE A 23 10.61 -2.71 16.98
CA ILE A 23 10.53 -1.40 17.62
C ILE A 23 11.06 -1.47 19.05
N GLY A 24 11.99 -0.59 19.40
CA GLY A 24 12.42 -0.49 20.78
C GLY A 24 13.53 -1.44 21.19
N THR A 25 13.91 -1.34 22.48
CA THR A 25 15.00 -2.10 23.06
C THR A 25 14.57 -2.65 24.44
N PRO A 26 14.51 -3.98 24.59
CA PRO A 26 14.67 -5.02 23.58
C PRO A 26 13.58 -4.91 22.51
N ALA A 27 13.79 -5.52 21.36
CA ALA A 27 12.87 -5.39 20.24
C ALA A 27 11.48 -5.88 20.60
N GLN A 28 10.48 -5.10 20.19
CA GLN A 28 9.10 -5.52 20.17
C GLN A 28 8.73 -5.63 18.70
N THR A 29 8.38 -6.83 18.25
CA THR A 29 8.09 -7.03 16.84
C THR A 29 6.59 -6.90 16.60
N LEU A 30 6.23 -5.94 15.76
CA LEU A 30 4.84 -5.74 15.35
C LEU A 30 4.73 -5.95 13.85
N ASN A 31 3.58 -6.44 13.42
CA ASN A 31 3.35 -6.66 12.00
C ASN A 31 2.60 -5.49 11.41
N LEU A 32 3.29 -4.69 10.61
CA LEU A 32 2.74 -3.43 10.11
C LEU A 32 2.38 -3.50 8.64
N ASP A 33 1.38 -2.71 8.28
CA ASP A 33 0.92 -2.56 6.90
C ASP A 33 1.75 -1.45 6.25
N PHE A 34 2.68 -1.82 5.37
CA PHE A 34 3.51 -0.82 4.66
C PHE A 34 2.67 -0.12 3.63
N ASP A 35 2.58 1.21 3.74
CA ASP A 35 1.59 1.97 2.99
C ASP A 35 2.23 3.13 2.23
N THR A 36 2.46 2.96 0.94
CA THR A 36 3.06 4.03 0.15
C THR A 36 2.07 5.17 -0.17
N GLY A 37 0.84 5.06 0.34
CA GLY A 37 -0.14 6.12 0.23
C GLY A 37 -0.35 6.97 1.48
N SER A 38 0.45 6.75 2.53
CA SER A 38 0.38 7.61 3.71
C SER A 38 1.78 7.71 4.33
N SER A 39 1.90 8.53 5.37
CA SER A 39 3.22 8.93 5.84
C SER A 39 3.35 8.94 7.36
N ASP A 40 2.48 8.19 8.03
CA ASP A 40 2.58 8.02 9.46
C ASP A 40 2.94 6.58 9.81
N LEU A 41 3.86 6.42 10.75
CA LEU A 41 4.14 5.12 11.35
C LEU A 41 3.40 5.10 12.68
N TRP A 42 2.28 4.39 12.73
CA TRP A 42 1.53 4.31 13.97
C TRP A 42 1.25 2.88 14.36
N VAL A 43 1.10 2.65 15.66
CA VAL A 43 0.99 1.30 16.18
C VAL A 43 -0.09 1.20 17.27
N PHE A 44 -0.74 0.04 17.33
CA PHE A 44 -1.47 -0.33 18.52
C PHE A 44 -0.48 -0.33 19.68
N SER A 45 -0.95 0.12 20.85
CA SER A 45 -0.02 0.30 21.96
C SER A 45 -0.66 0.03 23.31
N SER A 46 0.14 0.12 24.36
CA SER A 46 -0.35 0.05 25.73
C SER A 46 -1.28 1.22 26.06
N GLU A 47 -1.30 2.22 25.18
CA GLU A 47 -2.13 3.40 25.38
C GLU A 47 -3.46 3.31 24.63
N THR A 48 -3.61 2.30 23.78
CA THR A 48 -4.82 2.18 22.98
C THR A 48 -5.99 1.78 23.86
N THR A 49 -7.10 2.51 23.73
CA THR A 49 -8.36 2.20 24.40
C THR A 49 -8.62 0.70 24.37
N ALA A 50 -8.75 0.09 25.55
CA ALA A 50 -8.78 -1.36 25.69
C ALA A 50 -9.85 -2.03 24.83
N SER A 51 -11.03 -1.44 24.80
CA SER A 51 -12.15 -1.99 24.04
C SER A 51 -11.93 -1.93 22.53
N GLU A 52 -10.88 -1.24 22.09
CA GLU A 52 -10.59 -1.10 20.68
C GLU A 52 -9.41 -1.98 20.25
N VAL A 53 -8.91 -2.78 21.18
CA VAL A 53 -7.88 -3.76 20.89
C VAL A 53 -8.47 -5.17 20.91
N ASP A 54 -8.30 -5.90 19.81
CA ASP A 54 -8.85 -7.24 19.69
C ASP A 54 -7.88 -8.18 18.98
N GLY A 55 -6.85 -8.61 19.69
CA GLY A 55 -5.92 -9.59 19.16
C GLY A 55 -4.62 -9.04 18.62
N GLN A 56 -4.54 -7.72 18.43
CA GLN A 56 -3.32 -7.11 17.91
C GLN A 56 -2.18 -7.20 18.92
N THR A 57 -0.96 -7.26 18.42
CA THR A 57 0.24 -7.10 19.24
C THR A 57 0.45 -5.60 19.48
N ILE A 58 0.71 -5.23 20.73
CA ILE A 58 0.87 -3.83 21.08
C ILE A 58 2.30 -3.45 21.39
N TYR A 59 2.63 -2.20 21.12
CA TYR A 59 3.90 -1.58 21.50
C TYR A 59 3.74 -0.98 22.89
N THR A 60 4.65 -1.32 23.79
CA THR A 60 4.64 -0.77 25.14
C THR A 60 5.90 0.06 25.35
N PRO A 61 5.78 1.39 25.18
CA PRO A 61 7.00 2.20 25.24
C PRO A 61 7.70 2.13 26.60
N SER A 62 6.96 1.91 27.69
CA SER A 62 7.57 1.86 29.02
C SER A 62 8.51 0.66 29.18
N LYS A 63 8.40 -0.32 28.28
CA LYS A 63 9.28 -1.49 28.31
C LYS A 63 10.47 -1.33 27.38
N SER A 64 10.55 -0.20 26.69
CA SER A 64 11.68 0.06 25.79
C SER A 64 12.64 1.07 26.40
N THR A 65 13.91 0.69 26.54
CA THR A 65 14.88 1.57 27.18
C THR A 65 15.31 2.71 26.27
N THR A 66 14.95 2.63 24.98
CA THR A 66 15.32 3.66 24.01
C THR A 66 14.14 4.55 23.64
N ALA A 67 12.96 4.26 24.20
CA ALA A 67 11.78 5.07 23.92
C ALA A 67 11.85 6.40 24.66
N LYS A 68 11.45 7.46 23.98
CA LYS A 68 11.34 8.77 24.62
C LYS A 68 10.06 9.44 24.14
N LEU A 69 9.26 9.95 25.07
CA LEU A 69 8.10 10.74 24.69
C LEU A 69 8.52 11.92 23.84
N LEU A 70 7.87 12.12 22.70
CA LEU A 70 8.05 13.34 21.93
C LEU A 70 7.05 14.34 22.50
N SER A 71 7.52 15.13 23.46
CA SER A 71 6.65 15.88 24.33
C SER A 71 5.77 16.87 23.59
N GLY A 72 4.46 16.76 23.79
CA GLY A 72 3.48 17.65 23.20
C GLY A 72 3.00 17.29 21.82
N ALA A 73 3.61 16.27 21.21
CA ALA A 73 3.26 15.87 19.86
C ALA A 73 2.02 14.99 19.86
N THR A 74 1.08 15.29 18.95
CA THR A 74 -0.08 14.43 18.76
C THR A 74 -0.25 14.15 17.28
N TRP A 75 -1.09 13.19 16.96
CA TRP A 75 -1.35 12.84 15.56
C TRP A 75 -2.78 12.39 15.42
N SER A 76 -3.31 12.52 14.21
CA SER A 76 -4.67 12.14 13.92
C SER A 76 -4.78 11.97 12.41
N ILE A 77 -5.25 10.81 11.99
CA ILE A 77 -5.28 10.53 10.56
C ILE A 77 -6.60 9.86 10.19
N SER A 78 -7.04 10.10 8.96
CA SER A 78 -8.20 9.40 8.43
C SER A 78 -7.86 8.94 7.04
N TYR A 79 -8.38 7.78 6.66
CA TYR A 79 -8.00 7.18 5.40
C TYR A 79 -9.14 7.12 4.40
N GLY A 80 -8.85 6.60 3.21
CA GLY A 80 -9.79 6.59 2.11
C GLY A 80 -11.02 5.71 2.30
N ASP A 81 -10.95 4.78 3.23
CA ASP A 81 -12.07 3.88 3.50
C ASP A 81 -12.89 4.38 4.68
N GLY A 82 -12.54 5.55 5.20
CA GLY A 82 -13.26 6.14 6.31
C GLY A 82 -12.72 5.74 7.67
N SER A 83 -11.67 4.91 7.68
CA SER A 83 -11.05 4.49 8.93
C SER A 83 -10.17 5.62 9.49
N SER A 84 -9.85 5.53 10.77
CA SER A 84 -9.09 6.59 11.43
C SER A 84 -8.40 6.09 12.69
N SER A 85 -7.45 6.88 13.15
CA SER A 85 -6.73 6.61 14.38
C SER A 85 -6.04 7.89 14.84
N SER A 86 -5.67 7.94 16.11
CA SER A 86 -5.05 9.14 16.67
C SER A 86 -4.35 8.81 17.98
N GLY A 87 -3.46 9.69 18.42
CA GLY A 87 -2.77 9.46 19.67
C GLY A 87 -1.61 10.41 19.91
N ASP A 88 -0.61 9.94 20.66
CA ASP A 88 0.58 10.74 20.92
C ASP A 88 1.79 10.05 20.31
N VAL A 89 3.00 10.51 20.63
CA VAL A 89 4.17 10.13 19.85
C VAL A 89 5.39 9.87 20.73
N TYR A 90 6.09 8.79 20.42
CA TYR A 90 7.38 8.47 21.02
C TYR A 90 8.42 8.47 19.93
N THR A 91 9.68 8.70 20.28
CA THR A 91 10.75 8.35 19.36
C THR A 91 11.39 7.06 19.87
N ASP A 92 11.80 6.20 18.96
CA ASP A 92 12.43 4.94 19.35
C ASP A 92 13.21 4.39 18.17
N THR A 93 13.96 3.34 18.43
CA THR A 93 14.71 2.63 17.40
C THR A 93 13.79 1.69 16.65
N VAL A 94 13.80 1.80 15.32
CA VAL A 94 12.94 0.98 14.48
C VAL A 94 13.79 0.29 13.43
N SER A 95 13.63 -1.02 13.31
CA SER A 95 14.38 -1.77 12.31
C SER A 95 13.45 -2.56 11.39
N VAL A 96 13.77 -2.55 10.11
CA VAL A 96 13.02 -3.31 9.11
C VAL A 96 14.00 -4.16 8.35
N GLY A 97 13.88 -5.47 8.47
CA GLY A 97 14.72 -6.37 7.70
C GLY A 97 16.20 -6.09 7.81
N GLY A 98 16.66 -5.74 9.01
CA GLY A 98 18.07 -5.47 9.24
C GLY A 98 18.52 -4.03 9.09
N LEU A 99 17.64 -3.17 8.61
CA LEU A 99 17.92 -1.74 8.46
C LEU A 99 17.40 -0.98 9.67
N THR A 100 18.26 -0.23 10.34
CA THR A 100 17.89 0.39 11.59
C THR A 100 17.87 1.92 11.52
N VAL A 101 16.79 2.50 12.02
CA VAL A 101 16.69 3.95 12.18
C VAL A 101 16.54 4.29 13.65
N THR A 102 17.43 5.12 14.18
CA THR A 102 17.27 5.58 15.53
C THR A 102 16.49 6.89 15.53
N GLY A 103 15.74 7.15 16.59
CA GLY A 103 14.97 8.37 16.70
C GLY A 103 13.78 8.47 15.75
N GLN A 104 13.28 7.33 15.29
CA GLN A 104 12.08 7.30 14.45
C GLN A 104 10.85 7.69 15.27
N ALA A 105 10.02 8.55 14.71
CA ALA A 105 8.73 8.84 15.35
C ALA A 105 7.81 7.62 15.24
N VAL A 106 7.44 7.09 16.39
CA VAL A 106 6.51 5.98 16.51
C VAL A 106 5.24 6.55 17.14
N GLU A 107 4.19 6.59 16.35
CA GLU A 107 2.94 7.23 16.76
C GLU A 107 2.07 6.20 17.47
N SER A 108 1.86 6.42 18.75
CA SER A 108 1.13 5.50 19.59
C SER A 108 -0.36 5.79 19.55
N ALA A 109 -1.17 4.82 19.15
CA ALA A 109 -2.61 5.04 19.05
C ALA A 109 -3.27 5.05 20.42
N LYS A 110 -4.02 6.11 20.70
CA LYS A 110 -4.92 6.12 21.84
C LYS A 110 -6.31 5.64 21.41
N LYS A 111 -6.67 5.94 20.16
CA LYS A 111 -7.96 5.55 19.58
C LYS A 111 -7.74 5.01 18.18
N VAL A 112 -8.49 3.96 17.83
CA VAL A 112 -8.55 3.46 16.46
C VAL A 112 -10.00 3.18 16.09
N SER A 113 -10.34 3.29 14.81
CA SER A 113 -11.71 3.04 14.38
C SER A 113 -11.95 1.55 14.22
N SER A 114 -13.22 1.19 14.02
CA SER A 114 -13.65 -0.21 14.06
C SER A 114 -12.94 -1.12 13.06
N SER A 115 -12.66 -0.62 11.85
CA SER A 115 -12.02 -1.46 10.84
CA SER A 115 -12.00 -1.43 10.83
C SER A 115 -10.62 -1.88 11.29
N PHE A 116 -9.96 -1.05 12.09
CA PHE A 116 -8.65 -1.44 12.61
C PHE A 116 -8.79 -2.48 13.71
N THR A 117 -9.71 -2.24 14.65
CA THR A 117 -9.97 -3.19 15.73
C THR A 117 -10.29 -4.58 15.19
N GLU A 118 -11.09 -4.62 14.12
CA GLU A 118 -11.55 -5.88 13.53
C GLU A 118 -10.45 -6.62 12.75
N ASP A 119 -9.41 -5.89 12.39
N ASP A 119 -9.40 -5.90 12.36
CA ASP A 119 -8.25 -6.45 11.69
CA ASP A 119 -8.29 -6.51 11.64
C ASP A 119 -7.24 -6.95 12.71
C ASP A 119 -7.22 -6.98 12.62
N SER A 120 -7.41 -8.16 13.21
CA SER A 120 -6.52 -8.68 14.26
C SER A 120 -5.08 -8.89 13.78
N THR A 121 -4.90 -8.99 12.47
CA THR A 121 -3.59 -9.29 11.90
C THR A 121 -2.71 -8.06 11.66
N ILE A 122 -3.30 -6.87 11.73
CA ILE A 122 -2.55 -5.65 11.45
C ILE A 122 -2.31 -4.86 12.73
N ASP A 123 -1.04 -4.74 13.12
CA ASP A 123 -0.66 -4.10 14.38
C ASP A 123 -0.40 -2.59 14.24
N GLY A 124 -0.53 -2.09 13.01
CA GLY A 124 -0.30 -0.69 12.72
C GLY A 124 0.11 -0.47 11.29
N LEU A 125 0.47 0.77 10.99
CA LEU A 125 0.82 1.21 9.65
C LEU A 125 2.26 1.73 9.62
N LEU A 126 2.95 1.50 8.52
CA LEU A 126 4.24 2.16 8.28
C LEU A 126 4.14 2.92 6.96
N GLY A 127 4.02 4.25 7.07
CA GLY A 127 3.82 5.08 5.89
C GLY A 127 5.09 5.27 5.08
N LEU A 128 4.94 5.22 3.76
CA LEU A 128 6.07 5.35 2.85
C LEU A 128 5.81 6.35 1.73
N ALA A 129 4.77 7.17 1.88
CA ALA A 129 4.58 8.33 1.01
C ALA A 129 5.53 9.44 1.48
N PHE A 130 5.36 10.65 0.96
CA PHE A 130 6.31 11.70 1.28
C PHE A 130 5.99 12.33 2.63
N SER A 131 7.03 12.74 3.35
CA SER A 131 6.87 13.18 4.73
C SER A 131 5.98 14.42 4.88
N THR A 132 5.76 15.15 3.78
CA THR A 132 4.85 16.29 3.79
C THR A 132 3.41 15.91 4.18
N LEU A 133 3.06 14.63 4.08
CA LEU A 133 1.74 14.17 4.48
C LEU A 133 1.66 13.72 5.94
N ASN A 134 2.79 13.71 6.64
CA ASN A 134 2.78 13.22 8.01
C ASN A 134 1.92 14.11 8.91
N THR A 135 1.09 13.51 9.76
CA THR A 135 0.09 14.28 10.50
C THR A 135 0.54 14.76 11.88
N VAL A 136 1.77 14.46 12.30
CA VAL A 136 2.17 14.85 13.65
C VAL A 136 2.20 16.38 13.81
N SER A 137 1.62 16.86 14.91
CA SER A 137 1.55 18.27 15.24
C SER A 137 2.10 18.48 16.64
N PRO A 138 2.79 19.61 16.89
CA PRO A 138 3.05 20.75 16.01
C PRO A 138 4.30 20.61 15.15
N THR A 139 5.04 19.53 15.33
CA THR A 139 6.27 19.30 14.59
C THR A 139 6.13 18.07 13.71
N GLN A 140 6.00 18.29 12.41
CA GLN A 140 5.81 17.21 11.45
C GLN A 140 7.02 16.28 11.49
N GLN A 141 6.76 14.98 11.38
CA GLN A 141 7.81 13.98 11.48
C GLN A 141 8.11 13.29 10.15
N LYS A 142 9.31 12.73 10.05
CA LYS A 142 9.75 12.04 8.84
C LYS A 142 9.36 10.57 8.83
N THR A 143 9.11 10.04 7.64
CA THR A 143 8.89 8.61 7.49
C THR A 143 10.15 7.80 7.76
N PHE A 144 9.96 6.51 7.98
CA PHE A 144 11.07 5.59 8.13
C PHE A 144 12.04 5.68 6.94
N PHE A 145 11.50 5.72 5.72
CA PHE A 145 12.33 5.81 4.54
C PHE A 145 13.10 7.12 4.46
N ASP A 146 12.44 8.24 4.75
N ASP A 146 12.42 8.23 4.76
CA ASP A 146 13.14 9.52 4.73
CA ASP A 146 13.03 9.54 4.78
C ASP A 146 14.27 9.57 5.75
C ASP A 146 14.22 9.57 5.75
N ASN A 147 14.01 9.04 6.95
CA ASN A 147 15.06 8.95 7.96
C ASN A 147 16.22 8.05 7.54
N ALA A 148 15.91 6.94 6.88
CA ALA A 148 16.93 5.97 6.48
C ALA A 148 17.72 6.39 5.27
N LYS A 149 17.15 7.29 4.47
CA LYS A 149 17.58 7.53 3.10
C LYS A 149 19.07 7.82 2.91
N ALA A 150 19.60 8.72 3.73
CA ALA A 150 20.99 9.13 3.59
C ALA A 150 21.96 7.99 3.89
N SER A 151 21.54 7.05 4.73
CA SER A 151 22.39 5.94 5.13
CA SER A 151 22.38 5.94 5.14
C SER A 151 22.32 4.79 4.14
N LEU A 152 21.29 4.76 3.32
CA LEU A 152 21.09 3.68 2.36
C LEU A 152 22.14 3.70 1.26
N ASP A 153 22.48 2.52 0.73
CA ASP A 153 23.41 2.46 -0.40
C ASP A 153 22.90 3.27 -1.57
N SER A 154 21.60 3.18 -1.79
CA SER A 154 20.91 3.96 -2.81
CA SER A 154 20.91 3.98 -2.80
C SER A 154 19.59 4.42 -2.20
N PRO A 155 19.16 5.66 -2.52
CA PRO A 155 17.95 6.19 -1.88
C PRO A 155 16.67 5.65 -2.48
N VAL A 156 16.46 4.35 -2.37
CA VAL A 156 15.35 3.68 -3.01
C VAL A 156 14.75 2.63 -2.08
N PHE A 157 13.49 2.30 -2.31
CA PHE A 157 12.97 1.04 -1.79
C PHE A 157 12.14 0.37 -2.89
N THR A 158 11.95 -0.94 -2.79
CA THR A 158 11.20 -1.66 -3.81
C THR A 158 10.09 -2.49 -3.17
N ALA A 159 8.99 -2.62 -3.90
CA ALA A 159 7.87 -3.43 -3.50
C ALA A 159 7.69 -4.55 -4.49
N ASP A 160 7.73 -5.77 -3.98
CA ASP A 160 7.57 -6.98 -4.78
C ASP A 160 6.49 -7.83 -4.13
N LEU A 161 5.23 -7.45 -4.36
CA LEU A 161 4.11 -8.11 -3.70
C LEU A 161 3.72 -9.40 -4.41
N GLY A 162 3.37 -10.42 -3.64
CA GLY A 162 2.99 -11.69 -4.23
C GLY A 162 1.51 -11.81 -4.45
N TYR A 163 1.12 -12.62 -5.43
CA TYR A 163 -0.27 -12.99 -5.62
C TYR A 163 -0.55 -14.24 -4.80
N HIS A 164 -1.40 -14.11 -3.78
CA HIS A 164 -1.73 -15.20 -2.88
C HIS A 164 -0.45 -15.88 -2.34
N ALA A 165 0.57 -15.06 -2.08
CA ALA A 165 1.88 -15.54 -1.68
C ALA A 165 2.68 -14.40 -1.05
N PRO A 166 3.69 -14.74 -0.23
CA PRO A 166 4.55 -13.69 0.32
C PRO A 166 5.37 -12.99 -0.75
N GLY A 167 5.84 -11.80 -0.43
CA GLY A 167 6.70 -11.03 -1.30
C GLY A 167 7.76 -10.32 -0.46
N THR A 168 8.31 -9.25 -1.00
CA THR A 168 9.49 -8.62 -0.40
C THR A 168 9.45 -7.11 -0.51
N TYR A 169 9.81 -6.43 0.60
CA TYR A 169 10.21 -5.03 0.58
C TYR A 169 11.71 -4.93 0.81
N ASN A 170 12.41 -4.29 -0.14
CA ASN A 170 13.84 -4.03 0.00
C ASN A 170 14.09 -2.55 0.13
N PHE A 171 15.07 -2.20 0.94
CA PHE A 171 15.48 -0.81 1.13
C PHE A 171 16.95 -0.66 0.75
N GLY A 172 17.24 0.28 -0.14
CA GLY A 172 18.61 0.68 -0.42
C GLY A 172 19.29 -0.03 -1.58
N PHE A 173 18.60 -0.97 -2.21
CA PHE A 173 19.15 -1.69 -3.35
C PHE A 173 18.05 -2.26 -4.24
N ILE A 174 18.40 -2.52 -5.48
CA ILE A 174 17.50 -3.12 -6.44
C ILE A 174 17.98 -4.55 -6.73
N ASP A 175 17.13 -5.52 -6.42
CA ASP A 175 17.47 -6.93 -6.61
C ASP A 175 17.21 -7.29 -8.07
N THR A 176 18.29 -7.38 -8.85
CA THR A 176 18.16 -7.62 -10.28
C THR A 176 17.74 -9.05 -10.60
N THR A 177 17.67 -9.91 -9.60
CA THR A 177 17.17 -11.28 -9.81
C THR A 177 15.65 -11.38 -9.61
N ALA A 178 15.03 -10.29 -9.19
CA ALA A 178 13.63 -10.33 -8.76
C ALA A 178 12.64 -9.96 -9.88
N TYR A 179 13.14 -9.61 -11.06
CA TYR A 179 12.24 -9.24 -12.15
C TYR A 179 12.78 -9.75 -13.48
N THR A 180 11.93 -9.70 -14.51
CA THR A 180 12.31 -10.11 -15.85
C THR A 180 12.40 -8.86 -16.73
N GLY A 181 13.18 -8.92 -17.80
CA GLY A 181 13.32 -7.79 -18.69
C GLY A 181 13.94 -6.59 -18.01
N SER A 182 13.52 -5.39 -18.44
CA SER A 182 14.08 -4.16 -17.89
CA SER A 182 14.08 -4.16 -17.90
C SER A 182 13.07 -3.43 -17.03
N ILE A 183 13.57 -2.50 -16.21
CA ILE A 183 12.71 -1.63 -15.42
C ILE A 183 12.45 -0.35 -16.21
N THR A 184 11.18 0.00 -16.38
CA THR A 184 10.84 1.26 -17.03
C THR A 184 10.52 2.30 -15.96
N TYR A 185 11.29 3.38 -15.97
CA TYR A 185 11.10 4.46 -15.01
C TYR A 185 10.22 5.56 -15.60
N THR A 186 9.44 6.19 -14.73
CA THR A 186 8.47 7.17 -15.14
C THR A 186 8.43 8.30 -14.09
N ALA A 187 8.11 9.51 -14.54
CA ALA A 187 8.20 10.68 -13.68
C ALA A 187 7.17 10.68 -12.56
N VAL A 188 7.55 11.26 -11.42
CA VAL A 188 6.69 11.36 -10.26
C VAL A 188 6.42 12.82 -9.90
N SER A 189 5.17 13.13 -9.59
CA SER A 189 4.83 14.40 -8.96
C SER A 189 4.64 14.21 -7.47
N THR A 190 5.31 15.04 -6.68
CA THR A 190 5.16 14.98 -5.23
C THR A 190 4.23 16.07 -4.71
N LYS A 191 3.56 16.77 -5.63
CA LYS A 191 2.76 17.94 -5.27
C LYS A 191 1.64 17.61 -4.27
N GLN A 192 1.12 16.39 -4.32
CA GLN A 192 0.09 15.98 -3.37
C GLN A 192 0.64 15.08 -2.27
N GLY A 193 1.95 14.89 -2.23
CA GLY A 193 2.59 14.07 -1.22
C GLY A 193 2.61 12.58 -1.51
N PHE A 194 2.10 12.18 -2.68
CA PHE A 194 2.02 10.78 -3.08
C PHE A 194 3.07 10.41 -4.12
N TRP A 195 3.25 9.11 -4.34
CA TRP A 195 4.00 8.62 -5.48
C TRP A 195 3.06 8.67 -6.69
N GLU A 196 2.90 9.88 -7.23
CA GLU A 196 1.92 10.15 -8.26
C GLU A 196 2.59 10.13 -9.63
N TRP A 197 1.99 9.42 -10.57
CA TRP A 197 2.58 9.24 -11.88
C TRP A 197 1.47 9.17 -12.92
N THR A 198 1.85 9.07 -14.19
CA THR A 198 0.86 9.05 -15.26
C THR A 198 1.06 7.81 -16.13
N SER A 199 0.12 6.87 -16.04
CA SER A 199 0.11 5.72 -16.92
C SER A 199 -0.22 6.15 -18.35
N THR A 200 0.33 5.42 -19.32
CA THR A 200 0.16 5.78 -20.73
C THR A 200 -1.04 5.11 -21.41
N GLY A 201 -1.75 4.26 -20.67
CA GLY A 201 -2.97 3.69 -21.23
C GLY A 201 -3.28 2.30 -20.71
N TYR A 202 -4.18 1.62 -21.39
CA TYR A 202 -4.62 0.31 -20.94
C TYR A 202 -5.14 -0.58 -22.05
N ALA A 203 -5.20 -1.88 -21.75
CA ALA A 203 -5.88 -2.83 -22.62
C ALA A 203 -6.68 -3.79 -21.77
N VAL A 204 -7.79 -4.28 -22.32
CA VAL A 204 -8.59 -5.31 -21.66
C VAL A 204 -8.40 -6.65 -22.37
N GLY A 205 -7.94 -7.66 -21.63
CA GLY A 205 -7.68 -8.96 -22.21
C GLY A 205 -6.75 -8.85 -23.40
N SER A 206 -7.14 -9.50 -24.50
CA SER A 206 -6.34 -9.50 -25.72
C SER A 206 -6.69 -8.32 -26.64
N GLY A 207 -7.44 -7.36 -26.10
CA GLY A 207 -7.90 -6.23 -26.88
C GLY A 207 -6.78 -5.26 -27.21
N THR A 208 -7.07 -4.33 -28.12
CA THR A 208 -6.06 -3.35 -28.52
C THR A 208 -5.76 -2.37 -27.40
N PHE A 209 -4.52 -1.91 -27.35
CA PHE A 209 -4.11 -0.95 -26.33
C PHE A 209 -4.67 0.44 -26.62
N LYS A 210 -5.30 1.03 -25.61
CA LYS A 210 -5.82 2.40 -25.69
C LYS A 210 -4.81 3.36 -25.10
N SER A 211 -4.23 4.22 -25.93
CA SER A 211 -3.30 5.23 -25.45
C SER A 211 -4.09 6.39 -24.85
N THR A 212 -3.91 6.60 -23.55
CA THR A 212 -4.60 7.64 -22.81
C THR A 212 -3.87 7.86 -21.49
N SER A 213 -3.75 9.12 -21.09
CA SER A 213 -3.02 9.46 -19.87
C SER A 213 -3.90 9.22 -18.66
N ILE A 214 -3.42 8.40 -17.73
CA ILE A 214 -4.15 8.16 -16.49
C ILE A 214 -3.27 8.51 -15.30
N ASP A 215 -3.55 9.65 -14.69
CA ASP A 215 -2.83 10.10 -13.50
CA ASP A 215 -2.83 10.08 -13.51
C ASP A 215 -3.29 9.32 -12.28
N GLY A 216 -2.35 8.77 -11.52
CA GLY A 216 -2.75 8.03 -10.35
C GLY A 216 -1.60 7.86 -9.39
N ILE A 217 -1.85 7.18 -8.27
CA ILE A 217 -0.79 6.98 -7.29
C ILE A 217 -0.46 5.51 -7.11
N ALA A 218 0.81 5.22 -6.84
CA ALA A 218 1.24 3.86 -6.52
C ALA A 218 1.05 3.69 -5.02
N ASP A 219 0.09 2.86 -4.63
CA ASP A 219 -0.33 2.79 -3.24
C ASP A 219 -0.41 1.36 -2.72
N THR A 220 0.63 0.93 -2.00
CA THR A 220 0.65 -0.43 -1.46
C THR A 220 -0.38 -0.65 -0.35
N GLY A 221 -0.87 0.43 0.24
CA GLY A 221 -1.85 0.35 1.30
C GLY A 221 -3.29 0.31 0.85
N THR A 222 -3.52 0.30 -0.47
CA THR A 222 -4.86 0.14 -1.01
C THR A 222 -4.93 -1.22 -1.71
N THR A 223 -5.99 -1.97 -1.45
CA THR A 223 -6.13 -3.33 -1.94
C THR A 223 -6.36 -3.41 -3.45
N LEU A 224 -7.27 -2.59 -3.94
CA LEU A 224 -7.77 -2.72 -5.32
C LEU A 224 -7.19 -1.68 -6.27
N LEU A 225 -7.54 -1.84 -7.54
CA LEU A 225 -7.16 -0.93 -8.60
C LEU A 225 -8.34 -0.01 -8.89
N TYR A 226 -8.19 1.29 -8.63
CA TYR A 226 -9.27 2.27 -8.81
C TYR A 226 -8.94 3.17 -9.98
N LEU A 227 -9.78 3.12 -11.01
CA LEU A 227 -9.52 3.81 -12.28
C LEU A 227 -10.76 4.58 -12.73
N PRO A 228 -10.61 5.44 -13.75
CA PRO A 228 -11.78 6.20 -14.19
C PRO A 228 -12.94 5.30 -14.64
N ALA A 229 -14.16 5.78 -14.46
CA ALA A 229 -15.35 4.96 -14.72
C ALA A 229 -15.40 4.45 -16.15
N THR A 230 -14.89 5.24 -17.10
CA THR A 230 -14.83 4.82 -18.49
C THR A 230 -14.00 3.53 -18.67
N VAL A 231 -12.81 3.54 -18.08
CA VAL A 231 -11.88 2.41 -18.13
C VAL A 231 -12.49 1.18 -17.45
N VAL A 232 -13.07 1.41 -16.27
CA VAL A 232 -13.62 0.31 -15.48
C VAL A 232 -14.82 -0.32 -16.19
N SER A 233 -15.64 0.50 -16.82
CA SER A 233 -16.78 -0.01 -17.58
C SER A 233 -16.33 -0.84 -18.78
N ALA A 234 -15.28 -0.38 -19.47
CA ALA A 234 -14.74 -1.12 -20.60
C ALA A 234 -14.22 -2.49 -20.17
N TYR A 235 -13.64 -2.57 -18.98
CA TYR A 235 -13.16 -3.85 -18.48
C TYR A 235 -14.34 -4.79 -18.18
N TRP A 236 -15.27 -4.35 -17.34
CA TRP A 236 -16.33 -5.25 -16.89
C TRP A 236 -17.32 -5.60 -17.99
N ALA A 237 -17.38 -4.81 -19.05
CA ALA A 237 -18.22 -5.13 -20.20
C ALA A 237 -17.79 -6.42 -20.87
N GLN A 238 -16.56 -6.86 -20.61
CA GLN A 238 -16.05 -8.09 -21.19
C GLN A 238 -16.31 -9.32 -20.32
N VAL A 239 -17.03 -9.13 -19.21
CA VAL A 239 -17.38 -10.21 -18.31
C VAL A 239 -18.90 -10.36 -18.28
N SER A 240 -19.41 -11.47 -18.83
CA SER A 240 -20.85 -11.70 -18.89
CA SER A 240 -20.86 -11.69 -18.90
C SER A 240 -21.49 -11.66 -17.51
N GLY A 241 -22.51 -10.82 -17.35
CA GLY A 241 -23.23 -10.73 -16.10
C GLY A 241 -22.64 -9.78 -15.08
N ALA A 242 -21.49 -9.18 -15.39
CA ALA A 242 -20.88 -8.23 -14.47
C ALA A 242 -21.69 -6.94 -14.44
N LYS A 243 -21.76 -6.31 -13.28
CA LYS A 243 -22.53 -5.09 -13.13
C LYS A 243 -22.08 -4.34 -11.89
N SER A 244 -22.36 -3.04 -11.87
CA SER A 244 -22.08 -2.26 -10.68
C SER A 244 -23.28 -2.33 -9.75
N SER A 245 -23.03 -2.68 -8.49
CA SER A 245 -24.06 -2.78 -7.49
C SER A 245 -23.89 -1.70 -6.44
N SER A 246 -24.85 -0.79 -6.35
CA SER A 246 -24.79 0.26 -5.35
C SER A 246 -24.96 -0.35 -3.96
N SER A 247 -25.72 -1.43 -3.87
CA SER A 247 -25.96 -2.08 -2.58
C SER A 247 -24.68 -2.74 -2.06
N VAL A 248 -23.91 -3.34 -2.95
CA VAL A 248 -22.67 -3.99 -2.56
C VAL A 248 -21.52 -2.98 -2.44
N GLY A 249 -21.52 -1.98 -3.30
CA GLY A 249 -20.51 -0.94 -3.25
C GLY A 249 -19.48 -1.00 -4.37
N GLY A 250 -19.86 -1.58 -5.52
CA GLY A 250 -18.98 -1.62 -6.66
C GLY A 250 -19.35 -2.70 -7.64
N TYR A 251 -18.46 -2.95 -8.59
CA TYR A 251 -18.66 -4.00 -9.57
C TYR A 251 -18.55 -5.38 -8.96
N VAL A 252 -19.54 -6.20 -9.28
CA VAL A 252 -19.58 -7.60 -8.93
C VAL A 252 -19.73 -8.40 -10.23
N PHE A 253 -19.39 -9.69 -10.17
CA PHE A 253 -19.44 -10.52 -11.35
C PHE A 253 -19.79 -11.94 -10.94
N PRO A 254 -20.34 -12.74 -11.87
CA PRO A 254 -20.67 -14.13 -11.54
C PRO A 254 -19.42 -14.91 -11.15
N CYS A 255 -19.48 -15.62 -10.04
CA CYS A 255 -18.31 -16.38 -9.61
C CYS A 255 -17.96 -17.47 -10.62
N SER A 256 -18.88 -17.79 -11.53
CA SER A 256 -18.60 -18.75 -12.60
C SER A 256 -17.77 -18.18 -13.75
N ALA A 257 -17.48 -16.89 -13.72
CA ALA A 257 -16.79 -16.24 -14.84
C ALA A 257 -15.30 -16.53 -14.89
N THR A 258 -14.75 -16.48 -16.09
CA THR A 258 -13.30 -16.41 -16.26
C THR A 258 -12.93 -14.97 -16.58
N LEU A 259 -12.17 -14.32 -15.71
CA LEU A 259 -11.84 -12.91 -15.89
C LEU A 259 -10.73 -12.68 -16.90
N PRO A 260 -10.89 -11.65 -17.74
CA PRO A 260 -9.80 -11.27 -18.63
C PRO A 260 -8.70 -10.54 -17.89
N SER A 261 -7.50 -10.54 -18.46
CA SER A 261 -6.40 -9.75 -17.93
C SER A 261 -6.67 -8.25 -18.13
N PHE A 262 -5.86 -7.44 -17.47
CA PHE A 262 -5.89 -6.00 -17.62
C PHE A 262 -4.46 -5.51 -17.75
N THR A 263 -4.18 -4.76 -18.80
CA THR A 263 -2.85 -4.24 -19.06
C THR A 263 -2.79 -2.74 -18.78
N PHE A 264 -1.77 -2.26 -18.08
CA PHE A 264 -1.56 -0.82 -18.00
C PHE A 264 -0.19 -0.43 -18.52
N GLY A 265 -0.11 0.78 -19.06
CA GLY A 265 1.10 1.25 -19.68
C GLY A 265 1.98 2.02 -18.71
N VAL A 266 3.28 1.79 -18.83
CA VAL A 266 4.29 2.56 -18.13
C VAL A 266 5.25 3.01 -19.22
N GLY A 267 5.15 4.27 -19.63
CA GLY A 267 5.87 4.69 -20.82
C GLY A 267 5.48 3.79 -21.97
N SER A 268 6.46 3.28 -22.71
CA SER A 268 6.20 2.36 -23.81
C SER A 268 6.09 0.91 -23.36
N ALA A 269 6.31 0.67 -22.07
CA ALA A 269 6.22 -0.68 -21.51
C ALA A 269 4.81 -1.00 -21.08
N ARG A 270 4.57 -2.29 -20.81
CA ARG A 270 3.24 -2.78 -20.46
C ARG A 270 3.33 -3.72 -19.28
N ILE A 271 2.47 -3.53 -18.29
CA ILE A 271 2.35 -4.47 -17.19
C ILE A 271 1.01 -5.18 -17.31
N VAL A 272 1.05 -6.51 -17.33
CA VAL A 272 -0.17 -7.31 -17.49
C VAL A 272 -0.62 -7.89 -16.16
N ILE A 273 -1.82 -7.52 -15.75
CA ILE A 273 -2.44 -8.07 -14.56
C ILE A 273 -3.29 -9.27 -14.96
N PRO A 274 -2.90 -10.50 -14.54
CA PRO A 274 -3.70 -11.67 -14.92
C PRO A 274 -5.12 -11.57 -14.37
N GLY A 275 -6.06 -12.14 -15.09
CA GLY A 275 -7.45 -12.11 -14.67
C GLY A 275 -7.69 -12.60 -13.24
N ASP A 276 -6.99 -13.65 -12.80
CA ASP A 276 -7.18 -14.19 -11.46
CA ASP A 276 -7.32 -14.14 -11.46
C ASP A 276 -6.90 -13.15 -10.37
N TYR A 277 -6.00 -12.19 -10.68
CA TYR A 277 -5.65 -11.17 -9.68
C TYR A 277 -6.82 -10.25 -9.39
N ILE A 278 -7.82 -10.24 -10.27
CA ILE A 278 -8.92 -9.29 -10.21
C ILE A 278 -10.13 -9.93 -9.49
N ASP A 279 -9.99 -11.19 -9.08
CA ASP A 279 -11.05 -11.88 -8.35
C ASP A 279 -10.89 -11.72 -6.84
N PHE A 280 -11.85 -11.04 -6.20
CA PHE A 280 -11.81 -10.93 -4.74
C PHE A 280 -12.91 -11.73 -4.04
N GLY A 281 -13.44 -12.71 -4.77
CA GLY A 281 -14.20 -13.78 -4.17
C GLY A 281 -15.64 -13.41 -3.84
N PRO A 282 -16.39 -14.38 -3.30
CA PRO A 282 -17.79 -14.15 -2.97
C PRO A 282 -18.00 -12.92 -2.08
N ILE A 283 -19.03 -12.13 -2.38
CA ILE A 283 -19.27 -10.91 -1.62
C ILE A 283 -19.62 -11.22 -0.17
N SER A 284 -20.19 -12.40 0.05
CA SER A 284 -20.47 -12.97 1.36
C SER A 284 -20.30 -14.47 1.22
N THR A 285 -20.04 -15.16 2.32
CA THR A 285 -19.77 -16.60 2.26
C THR A 285 -20.88 -17.35 1.56
N GLY A 286 -20.51 -18.16 0.56
CA GLY A 286 -21.46 -18.96 -0.16
C GLY A 286 -22.13 -18.26 -1.34
N SER A 287 -21.90 -16.96 -1.49
CA SER A 287 -22.54 -16.20 -2.56
C SER A 287 -21.95 -16.58 -3.91
N SER A 288 -22.79 -16.57 -4.94
CA SER A 288 -22.29 -16.76 -6.30
C SER A 288 -21.99 -15.43 -6.98
N SER A 289 -22.08 -14.33 -6.24
CA SER A 289 -21.64 -13.03 -6.74
CA SER A 289 -21.66 -13.03 -6.74
C SER A 289 -20.28 -12.73 -6.17
N CYS A 290 -19.33 -12.41 -7.04
CA CYS A 290 -17.96 -12.17 -6.62
C CYS A 290 -17.57 -10.70 -6.76
N PHE A 291 -16.69 -10.21 -5.89
CA PHE A 291 -16.34 -8.80 -5.91
C PHE A 291 -15.15 -8.55 -6.81
N GLY A 292 -15.25 -7.53 -7.66
CA GLY A 292 -14.20 -7.23 -8.61
C GLY A 292 -13.01 -6.46 -8.04
N GLY A 293 -11.84 -6.71 -8.59
CA GLY A 293 -10.61 -6.07 -8.13
C GLY A 293 -10.25 -4.78 -8.85
N ILE A 294 -11.03 -4.45 -9.87
CA ILE A 294 -10.93 -3.18 -10.58
C ILE A 294 -12.23 -2.44 -10.33
N GLN A 295 -12.12 -1.24 -9.78
CA GLN A 295 -13.30 -0.47 -9.37
C GLN A 295 -13.15 0.96 -9.81
N SER A 296 -14.26 1.68 -9.86
CA SER A 296 -14.23 3.08 -10.25
C SER A 296 -13.63 3.99 -9.18
N SER A 297 -12.81 4.92 -9.61
CA SER A 297 -12.27 5.96 -8.72
C SER A 297 -13.16 7.19 -8.60
N ALA A 298 -14.31 7.17 -9.27
N ALA A 298 -14.29 7.18 -9.29
CA ALA A 298 -15.15 8.36 -9.38
CA ALA A 298 -15.21 8.31 -9.22
C ALA A 298 -15.48 9.04 -8.05
C ALA A 298 -15.74 8.44 -7.81
N GLY A 299 -15.69 8.26 -6.99
N GLY A 299 -15.54 9.62 -7.21
CA GLY A 299 -16.04 8.84 -5.70
CA GLY A 299 -15.92 9.82 -5.83
C GLY A 299 -14.87 9.00 -4.75
C GLY A 299 -14.71 9.82 -4.91
N ILE A 300 -13.66 9.10 -5.30
CA ILE A 300 -12.44 9.14 -4.50
CA ILE A 300 -12.42 9.12 -4.52
C ILE A 300 -11.64 10.41 -4.76
N GLY A 301 -11.65 10.87 -6.01
CA GLY A 301 -10.94 12.08 -6.35
C GLY A 301 -9.57 11.83 -6.94
N ILE A 302 -9.13 10.58 -6.91
N ILE A 302 -9.14 10.57 -6.91
CA ILE A 302 -7.82 10.22 -7.45
CA ILE A 302 -7.83 10.20 -7.44
C ILE A 302 -7.81 8.76 -7.90
C ILE A 302 -7.87 8.76 -7.94
N ASN A 303 -7.06 8.46 -8.95
CA ASN A 303 -6.89 7.09 -9.39
C ASN A 303 -5.84 6.42 -8.53
N ILE A 304 -6.06 5.16 -8.19
CA ILE A 304 -5.16 4.46 -7.28
C ILE A 304 -4.70 3.13 -7.86
N PHE A 305 -3.40 3.04 -8.14
CA PHE A 305 -2.78 1.79 -8.50
C PHE A 305 -2.43 1.06 -7.21
N GLY A 306 -3.41 0.31 -6.70
CA GLY A 306 -3.28 -0.44 -5.47
C GLY A 306 -2.67 -1.80 -5.71
N ASP A 307 -2.82 -2.67 -4.71
CA ASP A 307 -2.13 -3.95 -4.71
C ASP A 307 -2.44 -4.80 -5.95
N VAL A 308 -3.68 -4.78 -6.42
CA VAL A 308 -4.05 -5.52 -7.63
C VAL A 308 -3.12 -5.21 -8.78
N ALA A 309 -2.78 -3.93 -8.96
CA ALA A 309 -1.84 -3.54 -10.01
C ALA A 309 -0.38 -3.81 -9.60
N LEU A 310 -0.03 -3.39 -8.40
CA LEU A 310 1.38 -3.43 -8.01
C LEU A 310 1.91 -4.85 -7.90
N LYS A 311 1.09 -5.81 -7.50
CA LYS A 311 1.63 -7.14 -7.31
CA LYS A 311 1.54 -7.18 -7.30
C LYS A 311 1.88 -7.85 -8.64
N ALA A 312 1.43 -7.25 -9.74
CA ALA A 312 1.78 -7.77 -11.06
C ALA A 312 3.16 -7.28 -11.50
N ALA A 313 3.81 -6.46 -10.68
CA ALA A 313 5.07 -5.85 -11.08
C ALA A 313 6.12 -5.87 -9.98
N PHE A 314 7.37 -5.67 -10.39
CA PHE A 314 8.43 -5.29 -9.47
C PHE A 314 8.48 -3.77 -9.51
N VAL A 315 8.29 -3.11 -8.37
CA VAL A 315 8.10 -1.66 -8.37
C VAL A 315 9.21 -0.96 -7.56
N VAL A 316 9.85 0.01 -8.20
CA VAL A 316 10.93 0.76 -7.59
C VAL A 316 10.43 2.15 -7.21
N PHE A 317 10.55 2.47 -5.92
CA PHE A 317 10.23 3.78 -5.41
C PHE A 317 11.56 4.51 -5.24
N ASN A 318 11.89 5.35 -6.22
CA ASN A 318 13.17 6.01 -6.27
C ASN A 318 13.08 7.37 -5.59
N GLY A 319 13.68 7.48 -4.42
CA GLY A 319 13.64 8.68 -3.63
C GLY A 319 14.84 9.60 -3.79
N ALA A 320 15.43 9.59 -4.99
CA ALA A 320 16.46 10.55 -5.33
C ALA A 320 15.89 11.96 -5.29
N THR A 321 16.76 12.96 -5.42
CA THR A 321 16.37 14.36 -5.33
C THR A 321 15.17 14.65 -6.23
N THR A 322 15.20 14.08 -7.44
CA THR A 322 14.04 14.05 -8.31
C THR A 322 13.48 12.63 -8.30
N PRO A 323 12.41 12.41 -7.54
CA PRO A 323 11.85 11.07 -7.40
CA PRO A 323 11.85 11.06 -7.40
C PRO A 323 11.26 10.51 -8.70
N THR A 324 11.36 9.20 -8.87
CA THR A 324 10.75 8.52 -10.00
C THR A 324 10.21 7.18 -9.54
N LEU A 325 9.42 6.55 -10.40
CA LEU A 325 8.86 5.22 -10.16
CA LEU A 325 8.85 5.23 -10.15
C LEU A 325 9.31 4.29 -11.27
N GLY A 326 9.73 3.08 -10.91
CA GLY A 326 10.08 2.09 -11.90
C GLY A 326 9.16 0.88 -11.82
N PHE A 327 8.82 0.32 -12.98
CA PHE A 327 8.03 -0.90 -13.06
C PHE A 327 8.70 -1.91 -13.97
N ALA A 328 8.78 -3.15 -13.50
CA ALA A 328 9.23 -4.27 -14.34
C ALA A 328 8.24 -5.41 -14.23
N SER A 329 8.13 -6.21 -15.29
CA SER A 329 7.42 -7.47 -15.21
C SER A 329 8.24 -8.45 -14.36
N LYS A 330 7.61 -9.53 -13.90
CA LYS A 330 8.32 -10.50 -13.06
C LYS A 330 7.72 -11.88 -13.19
C1 GOL B . 2.20 -11.79 -13.49
O1 GOL B . 2.49 -12.87 -14.35
C2 GOL B . 2.65 -10.50 -14.15
O2 GOL B . 2.16 -10.43 -15.47
C3 GOL B . 4.17 -10.46 -14.17
O3 GOL B . 4.63 -9.18 -14.56
C1 GOL C . 3.00 -17.25 4.36
C1 GOL C . 3.91 -20.40 3.69
O1 GOL C . 1.90 -17.06 3.49
O1 GOL C . 4.51 -20.63 2.44
C2 GOL C . 3.36 -18.72 4.43
C2 GOL C . 3.87 -18.89 3.91
O2 GOL C . 4.77 -18.86 4.46
O2 GOL C . 5.16 -18.41 4.26
C3 GOL C . 2.80 -19.45 3.23
C3 GOL C . 2.88 -18.56 5.02
O3 GOL C . 3.17 -20.81 3.28
O3 GOL C . 2.94 -17.16 5.26
C1 GOL D . -9.68 -3.10 -24.90
O1 GOL D . -8.31 -3.40 -25.01
C2 GOL D . -9.85 -1.76 -24.21
O2 GOL D . -11.16 -1.29 -24.38
C3 GOL D . -8.87 -0.75 -24.79
O3 GOL D . -9.18 -0.50 -26.14
O3 D6D E . -8.46 -1.47 2.83
C4 D6D E . -6.86 1.47 5.36
C5 D6D E . -6.80 1.82 3.82
C6 D6D E . -5.62 2.76 3.57
N1 D6D E . -5.35 2.82 2.09
C7 D6D E . -4.38 2.27 4.30
C8 D6D E . -4.20 2.92 5.66
C9 D6D E . -5.43 1.01 5.80
C10 D6D E . -8.88 -1.36 4.18
C2 D6D E . -7.72 -0.98 5.08
C1 D6D E . -7.57 -1.92 6.28
N D6D E . -7.88 0.38 5.73
C3 D6D E . -8.06 0.16 7.21
C D6D E . -8.39 -1.28 7.36
O D6D E . -4.83 2.02 6.59
O1 D6D E . -4.59 0.88 4.67
O2 D6D E . -8.01 2.52 3.58
C ACT F . -14.19 -17.21 -6.66
O ACT F . -14.18 -17.18 -7.91
OXT ACT F . -13.28 -16.60 -6.07
CH3 ACT F . -15.26 -17.94 -5.89
#